data_5UD4
#
_entry.id   5UD4
#
_cell.length_a   39.391
_cell.length_b   62.590
_cell.length_c   64.817
_cell.angle_alpha   81.98
_cell.angle_beta   75.74
_cell.angle_gamma   74.23
#
_symmetry.space_group_name_H-M   'P 1'
#
loop_
_entity.id
_entity.type
_entity.pdbx_description
1 polymer 'Fructose-bisphosphate aldolase'
2 non-polymer 'SODIUM ION'
3 non-polymer 'ZINC ION'
4 non-polymer 1,6-di-O-phosphono-D-tagatose
5 water water
#
_entity_poly.entity_id   1
_entity_poly.type   'polypeptide(L)'
_entity_poly.pdbx_seq_one_letter_code
;MLVKGNEILLKAHKEGYGVGAFNFVNFEMLNAIFEAGNEENSPLFIQASEGAIKYMGIDMAVGMVKIMCERYPHIPVALH
LDHGTTFESCEKAVKAGFTSVMIDASHHAFEENLELTSKVVKMAHNAGVSVEAELGRLMGIEDNISVDEKDAVLVNPKEA
EQFVKESQVDYLAPAIGTSQGAFKFKGEPKLDFERLQEVKRLTNIPLVLHGASAIPDNVRKSYLDAGGDLKGSKGVPFEF
LQESVKGGINKVNTDTDLRIAFIAEVRKVANEDKSQFDLRKFFSPAQLALKNVVKERMKLLGSANKI
;
_entity_poly.pdbx_strand_id   A,B
#
# COMPACT_ATOMS: atom_id res chain seq x y z
N MET A 1 -6.42 -18.18 9.05
CA MET A 1 -5.93 -17.25 10.12
C MET A 1 -4.42 -17.14 10.07
N LEU A 2 -3.87 -16.22 10.87
CA LEU A 2 -2.42 -16.06 11.04
C LEU A 2 -1.85 -17.10 12.02
N VAL A 3 -0.95 -17.94 11.53
CA VAL A 3 -0.50 -19.14 12.25
C VAL A 3 1.01 -19.26 12.16
N LYS A 4 1.56 -20.04 13.10
CA LYS A 4 2.96 -20.42 13.09
C LYS A 4 3.34 -21.02 11.76
N GLY A 5 4.54 -20.68 11.26
CA GLY A 5 4.94 -21.16 9.95
C GLY A 5 4.95 -22.67 9.87
N ASN A 6 5.32 -23.32 10.98
CA ASN A 6 5.39 -24.78 11.01
C ASN A 6 4.02 -25.41 10.85
N GLU A 7 2.95 -24.70 11.24
CA GLU A 7 1.62 -25.26 11.05
C GLU A 7 1.38 -25.55 9.58
N ILE A 8 1.77 -24.63 8.71
CA ILE A 8 1.56 -24.81 7.28
C ILE A 8 2.58 -25.80 6.71
N LEU A 9 3.84 -25.68 7.11
CA LEU A 9 4.87 -26.45 6.42
C LEU A 9 4.97 -27.88 6.92
N LEU A 10 4.57 -28.17 8.17
CA LEU A 10 4.55 -29.57 8.59
C LEU A 10 3.53 -30.36 7.77
N LYS A 11 2.40 -29.73 7.45
CA LYS A 11 1.40 -30.40 6.61
C LYS A 11 1.95 -30.64 5.21
N ALA A 12 2.57 -29.62 4.61
CA ALA A 12 3.16 -29.77 3.29
C ALA A 12 4.24 -30.85 3.30
N HIS A 13 5.06 -30.87 4.36
CA HIS A 13 6.09 -31.88 4.51
C HIS A 13 5.50 -33.28 4.52
N LYS A 14 4.51 -33.53 5.38
CA LYS A 14 3.96 -34.86 5.53
C LYS A 14 3.15 -35.30 4.30
N GLU A 15 2.51 -34.35 3.61
CA GLU A 15 1.71 -34.66 2.45
C GLU A 15 2.46 -34.49 1.13
N GLY A 16 3.69 -34.00 1.16
CA GLY A 16 4.52 -33.96 -0.04
C GLY A 16 4.15 -32.93 -1.09
N TYR A 17 3.83 -31.72 -0.66
CA TYR A 17 3.58 -30.64 -1.60
C TYR A 17 4.37 -29.42 -1.17
N GLY A 18 4.43 -28.45 -2.09
CA GLY A 18 5.17 -27.21 -1.88
C GLY A 18 4.23 -26.04 -1.68
N VAL A 19 4.60 -25.16 -0.76
CA VAL A 19 3.86 -23.94 -0.48
C VAL A 19 4.72 -22.77 -0.93
N GLY A 20 4.23 -22.03 -1.91
CA GLY A 20 4.92 -20.82 -2.30
C GLY A 20 5.04 -19.85 -1.13
N ALA A 21 6.22 -19.24 -1.02
CA ALA A 21 6.47 -18.22 -0.02
C ALA A 21 6.69 -16.93 -0.79
N PHE A 22 5.70 -16.04 -0.75
CA PHE A 22 5.61 -14.92 -1.66
C PHE A 22 6.00 -13.61 -0.96
N ASN A 23 6.98 -12.91 -1.50
CA ASN A 23 7.44 -11.65 -0.95
C ASN A 23 6.47 -10.52 -1.30
N PHE A 24 6.40 -9.54 -0.41
CA PHE A 24 5.64 -8.32 -0.67
C PHE A 24 6.41 -7.12 -0.16
N VAL A 25 6.17 -5.96 -0.79
CA VAL A 25 6.70 -4.70 -0.29
C VAL A 25 5.62 -3.66 -0.09
N ASN A 26 4.37 -3.95 -0.46
CA ASN A 26 3.33 -2.93 -0.31
C ASN A 26 1.94 -3.57 -0.40
N PHE A 27 0.91 -2.73 -0.41
CA PHE A 27 -0.47 -3.24 -0.38
C PHE A 27 -0.82 -4.00 -1.66
N GLU A 28 -0.44 -3.45 -2.81
CA GLU A 28 -0.84 -4.08 -4.07
C GLU A 28 -0.30 -5.49 -4.18
N MET A 29 0.97 -5.70 -3.82
CA MET A 29 1.52 -7.04 -3.89
C MET A 29 0.77 -7.96 -2.94
N LEU A 30 0.54 -7.48 -1.71
CA LEU A 30 -0.11 -8.29 -0.69
C LEU A 30 -1.52 -8.65 -1.11
N ASN A 31 -2.27 -7.68 -1.63
CA ASN A 31 -3.65 -7.97 -2.01
C ASN A 31 -3.71 -9.03 -3.09
N ALA A 32 -2.83 -8.92 -4.10
CA ALA A 32 -2.83 -9.88 -5.19
C ALA A 32 -2.48 -11.28 -4.71
N ILE A 33 -1.50 -11.39 -3.80
CA ILE A 33 -1.13 -12.70 -3.25
C ILE A 33 -2.31 -13.34 -2.52
N PHE A 34 -2.99 -12.54 -1.69
CA PHE A 34 -4.14 -13.06 -0.95
C PHE A 34 -5.28 -13.48 -1.89
N GLU A 35 -5.60 -12.65 -2.89
CA GLU A 35 -6.66 -13.03 -3.81
C GLU A 35 -6.32 -14.32 -4.53
N ALA A 36 -5.04 -14.53 -4.85
CA ALA A 36 -4.63 -15.79 -5.47
C ALA A 36 -4.90 -16.96 -4.54
N GLY A 37 -4.48 -16.84 -3.28
CA GLY A 37 -4.73 -17.90 -2.31
C GLY A 37 -6.20 -18.18 -2.11
N ASN A 38 -7.01 -17.13 -2.09
CA ASN A 38 -8.45 -17.34 -1.96
C ASN A 38 -9.00 -18.08 -3.16
N GLU A 39 -8.55 -17.73 -4.36
CA GLU A 39 -9.11 -18.30 -5.58
C GLU A 39 -8.64 -19.71 -5.82
N GLU A 40 -7.46 -20.08 -5.33
CA GLU A 40 -6.95 -21.44 -5.49
C GLU A 40 -7.11 -22.28 -4.22
N ASN A 41 -7.74 -21.74 -3.18
CA ASN A 41 -7.96 -22.48 -1.93
C ASN A 41 -6.64 -23.03 -1.42
N SER A 42 -5.64 -22.15 -1.36
CA SER A 42 -4.28 -22.50 -0.99
C SER A 42 -3.84 -21.79 0.29
N PRO A 43 -3.10 -22.47 1.16
CA PRO A 43 -2.44 -21.77 2.26
C PRO A 43 -1.44 -20.75 1.74
N LEU A 44 -1.17 -19.75 2.58
CA LEU A 44 -0.40 -18.57 2.22
C LEU A 44 0.82 -18.47 3.14
N PHE A 45 2.01 -18.48 2.55
CA PHE A 45 3.22 -18.07 3.24
C PHE A 45 3.61 -16.70 2.69
N ILE A 46 3.46 -15.68 3.53
CA ILE A 46 3.75 -14.30 3.16
C ILE A 46 5.07 -13.91 3.79
N GLN A 47 5.98 -13.36 3.01
CA GLN A 47 7.27 -13.05 3.57
C GLN A 47 7.73 -11.66 3.17
N ALA A 48 8.51 -11.09 4.06
CA ALA A 48 9.06 -9.75 3.91
C ALA A 48 10.53 -9.79 4.23
N SER A 49 11.33 -9.27 3.32
CA SER A 49 12.75 -9.09 3.53
C SER A 49 13.01 -7.94 4.51
N GLU A 50 14.25 -7.85 4.97
CA GLU A 50 14.63 -6.72 5.81
C GLU A 50 14.47 -5.41 5.05
N GLY A 51 14.73 -5.41 3.74
CA GLY A 51 14.57 -4.19 2.97
C GLY A 51 13.11 -3.81 2.82
N ALA A 52 12.24 -4.81 2.64
CA ALA A 52 10.80 -4.53 2.56
C ALA A 52 10.31 -3.98 3.89
N ILE A 53 10.84 -4.51 4.99
CA ILE A 53 10.44 -4.04 6.32
C ILE A 53 10.87 -2.60 6.53
N LYS A 54 12.09 -2.27 6.10
CA LYS A 54 12.53 -0.88 6.20
C LYS A 54 11.63 0.04 5.38
N TYR A 55 11.19 -0.44 4.22
CA TYR A 55 10.38 0.37 3.30
C TYR A 55 8.98 0.60 3.87
N MET A 56 8.34 -0.45 4.37
CA MET A 56 6.98 -0.32 4.91
C MET A 56 6.96 0.20 6.34
N GLY A 57 8.00 -0.11 7.11
CA GLY A 57 7.93 -0.08 8.55
C GLY A 57 7.34 -1.38 9.07
N ILE A 58 7.96 -1.98 10.08
CA ILE A 58 7.52 -3.30 10.51
C ILE A 58 6.09 -3.28 11.04
N ASP A 59 5.66 -2.16 11.64
CA ASP A 59 4.28 -2.02 12.12
C ASP A 59 3.28 -2.10 10.97
N MET A 60 3.63 -1.54 9.81
CA MET A 60 2.73 -1.60 8.66
C MET A 60 2.79 -2.95 7.98
N ALA A 61 3.97 -3.58 7.91
CA ALA A 61 4.07 -4.91 7.34
C ALA A 61 3.15 -5.89 8.08
N VAL A 62 3.28 -5.94 9.40
CA VAL A 62 2.44 -6.83 10.20
C VAL A 62 0.99 -6.38 10.15
N GLY A 63 0.76 -5.08 10.28
CA GLY A 63 -0.60 -4.58 10.33
C GLY A 63 -1.40 -4.87 9.08
N MET A 64 -0.80 -4.68 7.89
CA MET A 64 -1.51 -4.98 6.65
C MET A 64 -1.81 -6.45 6.54
N VAL A 65 -0.87 -7.30 6.93
CA VAL A 65 -1.11 -8.75 6.86
C VAL A 65 -2.24 -9.15 7.81
N LYS A 66 -2.28 -8.60 9.02
CA LYS A 66 -3.36 -8.93 9.95
C LYS A 66 -4.72 -8.52 9.40
N ILE A 67 -4.81 -7.36 8.75
CA ILE A 67 -6.04 -6.94 8.08
C ILE A 67 -6.42 -7.93 6.99
N MET A 68 -5.44 -8.35 6.19
CA MET A 68 -5.74 -9.28 5.10
C MET A 68 -6.19 -10.63 5.65
N CYS A 69 -5.56 -11.11 6.72
N CYS A 69 -5.58 -11.11 6.72
CA CYS A 69 -5.99 -12.37 7.32
CA CYS A 69 -6.00 -12.41 7.24
C CYS A 69 -7.43 -12.29 7.82
C CYS A 69 -7.39 -12.34 7.89
N GLU A 70 -7.82 -11.15 8.41
N GLU A 70 -7.80 -11.17 8.38
CA GLU A 70 -9.19 -11.00 8.87
CA GLU A 70 -9.16 -11.00 8.85
C GLU A 70 -10.17 -10.90 7.70
C GLU A 70 -10.16 -10.90 7.71
N ARG A 71 -9.68 -10.44 6.54
CA ARG A 71 -10.53 -10.40 5.36
C ARG A 71 -10.77 -11.80 4.80
N TYR A 72 -9.81 -12.70 4.99
CA TYR A 72 -9.86 -14.06 4.47
C TYR A 72 -9.55 -15.04 5.60
N PRO A 73 -10.43 -15.12 6.60
CA PRO A 73 -10.09 -15.86 7.85
C PRO A 73 -9.99 -17.37 7.66
N HIS A 74 -10.51 -17.92 6.58
CA HIS A 74 -10.42 -19.35 6.33
C HIS A 74 -9.05 -19.78 5.76
N ILE A 75 -8.20 -18.84 5.36
CA ILE A 75 -6.92 -19.18 4.72
C ILE A 75 -5.85 -19.27 5.81
N PRO A 76 -5.13 -20.38 5.93
CA PRO A 76 -3.94 -20.39 6.78
C PRO A 76 -2.88 -19.45 6.24
N VAL A 77 -2.40 -18.55 7.10
CA VAL A 77 -1.41 -17.56 6.68
C VAL A 77 -0.28 -17.53 7.70
N ALA A 78 0.95 -17.62 7.22
CA ALA A 78 2.12 -17.37 8.05
C ALA A 78 2.81 -16.13 7.53
N LEU A 79 3.33 -15.33 8.44
CA LEU A 79 4.06 -14.11 8.11
C LEU A 79 5.52 -14.30 8.52
N HIS A 80 6.41 -14.26 7.53
CA HIS A 80 7.77 -14.75 7.67
C HIS A 80 8.79 -13.66 7.37
N LEU A 81 9.79 -13.53 8.25
CA LEU A 81 10.95 -12.68 7.99
C LEU A 81 11.90 -13.41 7.05
N ASP A 82 12.07 -12.89 5.86
CA ASP A 82 12.91 -13.50 4.85
C ASP A 82 14.34 -12.97 4.97
N HIS A 83 15.31 -13.89 5.09
N HIS A 83 15.31 -13.89 5.10
CA HIS A 83 16.73 -13.55 5.17
CA HIS A 83 16.72 -13.54 5.15
C HIS A 83 17.00 -12.48 6.24
C HIS A 83 17.02 -12.50 6.23
N GLY A 84 16.58 -12.79 7.46
CA GLY A 84 17.06 -12.04 8.60
C GLY A 84 18.57 -12.23 8.72
N THR A 85 19.28 -11.15 9.02
CA THR A 85 20.73 -11.17 9.00
C THR A 85 21.36 -11.12 10.38
N THR A 86 20.57 -10.80 11.40
CA THR A 86 21.05 -10.69 12.77
C THR A 86 20.01 -11.24 13.73
N PHE A 87 20.48 -11.64 14.90
CA PHE A 87 19.59 -12.02 15.99
C PHE A 87 18.60 -10.90 16.30
N GLU A 88 19.10 -9.66 16.37
CA GLU A 88 18.25 -8.54 16.74
C GLU A 88 17.14 -8.32 15.73
N SER A 89 17.44 -8.50 14.45
CA SER A 89 16.40 -8.38 13.43
C SER A 89 15.32 -9.45 13.63
N CYS A 90 15.73 -10.70 13.88
CA CYS A 90 14.77 -11.77 14.11
C CYS A 90 13.94 -11.50 15.35
N GLU A 91 14.58 -11.00 16.41
CA GLU A 91 13.88 -10.69 17.64
C GLU A 91 12.87 -9.57 17.43
N LYS A 92 13.25 -8.54 16.66
CA LYS A 92 12.31 -7.46 16.36
C LYS A 92 11.08 -7.99 15.61
N ALA A 93 11.29 -8.91 14.68
CA ALA A 93 10.17 -9.49 13.95
C ALA A 93 9.27 -10.31 14.86
N VAL A 94 9.85 -11.14 15.72
CA VAL A 94 9.04 -11.86 16.72
C VAL A 94 8.19 -10.89 17.53
N LYS A 95 8.80 -9.82 18.04
CA LYS A 95 8.05 -8.91 18.91
C LYS A 95 6.95 -8.17 18.16
N ALA A 96 7.17 -7.89 16.88
CA ALA A 96 6.17 -7.21 16.08
C ALA A 96 5.02 -8.09 15.64
N GLY A 97 5.17 -9.42 15.69
CA GLY A 97 4.08 -10.31 15.40
C GLY A 97 4.28 -11.26 14.23
N PHE A 98 5.48 -11.34 13.68
CA PHE A 98 5.79 -12.36 12.68
C PHE A 98 5.62 -13.74 13.32
N THR A 99 5.20 -14.70 12.51
CA THR A 99 4.98 -16.07 13.01
C THR A 99 6.03 -17.03 12.48
N SER A 100 7.03 -16.54 11.75
CA SER A 100 8.13 -17.34 11.24
C SER A 100 9.26 -16.37 10.98
N VAL A 101 10.50 -16.77 11.30
CA VAL A 101 11.67 -15.95 11.02
C VAL A 101 12.77 -16.82 10.42
N MET A 102 13.49 -16.26 9.47
CA MET A 102 14.67 -16.90 8.91
C MET A 102 15.92 -16.16 9.38
N ILE A 103 16.88 -16.92 9.89
CA ILE A 103 18.22 -16.40 10.13
C ILE A 103 19.15 -17.00 9.08
N ASP A 104 19.78 -16.15 8.29
CA ASP A 104 20.74 -16.61 7.28
C ASP A 104 22.15 -16.38 7.79
N ALA A 105 22.75 -17.44 8.29
CA ALA A 105 24.13 -17.44 8.73
C ALA A 105 24.96 -18.41 7.90
N SER A 106 24.51 -18.70 6.68
CA SER A 106 25.16 -19.70 5.84
C SER A 106 26.54 -19.28 5.37
N HIS A 107 26.88 -18.00 5.48
CA HIS A 107 28.21 -17.56 5.09
C HIS A 107 29.22 -17.84 6.19
N HIS A 108 28.77 -18.27 7.35
CA HIS A 108 29.65 -18.66 8.44
C HIS A 108 30.01 -20.13 8.33
N ALA A 109 31.12 -20.48 8.96
CA ALA A 109 31.46 -21.87 9.16
C ALA A 109 30.35 -22.58 9.95
N PHE A 110 30.29 -23.90 9.78
CA PHE A 110 29.26 -24.71 10.41
C PHE A 110 29.02 -24.32 11.88
N GLU A 111 30.08 -24.29 12.68
CA GLU A 111 29.90 -24.10 14.12
C GLU A 111 29.25 -22.75 14.43
N GLU A 112 29.65 -21.69 13.74
CA GLU A 112 29.09 -20.37 14.00
C GLU A 112 27.67 -20.26 13.46
N ASN A 113 27.41 -20.85 12.30
CA ASN A 113 26.04 -20.90 11.78
C ASN A 113 25.13 -21.63 12.76
N LEU A 114 25.59 -22.77 13.28
CA LEU A 114 24.80 -23.51 14.25
C LEU A 114 24.58 -22.71 15.53
N GLU A 115 25.61 -22.03 16.01
CA GLU A 115 25.49 -21.27 17.26
C GLU A 115 24.46 -20.15 17.13
N LEU A 116 24.56 -19.36 16.06
CA LEU A 116 23.64 -18.25 15.87
C LEU A 116 22.22 -18.75 15.60
N THR A 117 22.08 -19.78 14.76
CA THR A 117 20.76 -20.33 14.50
C THR A 117 20.12 -20.83 15.80
N SER A 118 20.90 -21.53 16.64
CA SER A 118 20.34 -22.07 17.88
C SER A 118 19.87 -20.94 18.80
N LYS A 119 20.61 -19.83 18.83
CA LYS A 119 20.20 -18.68 19.64
C LYS A 119 18.88 -18.09 19.14
N VAL A 120 18.74 -17.97 17.82
CA VAL A 120 17.47 -17.51 17.26
C VAL A 120 16.35 -18.48 17.59
N VAL A 121 16.60 -19.78 17.40
CA VAL A 121 15.57 -20.79 17.68
C VAL A 121 15.11 -20.71 19.13
N LYS A 122 16.04 -20.59 20.07
CA LYS A 122 15.62 -20.53 21.47
C LYS A 122 14.68 -19.35 21.71
N MET A 123 15.06 -18.18 21.20
CA MET A 123 14.24 -16.98 21.35
C MET A 123 12.89 -17.14 20.66
N ALA A 124 12.91 -17.61 19.41
CA ALA A 124 11.68 -17.69 18.64
C ALA A 124 10.74 -18.73 19.21
N HIS A 125 11.27 -19.90 19.58
CA HIS A 125 10.41 -20.96 20.11
C HIS A 125 9.79 -20.55 21.42
N ASN A 126 10.51 -19.79 22.24
CA ASN A 126 9.95 -19.29 23.49
C ASN A 126 8.74 -18.39 23.24
N ALA A 127 8.65 -17.81 22.05
CA ALA A 127 7.57 -16.92 21.65
C ALA A 127 6.55 -17.59 20.77
N GLY A 128 6.69 -18.88 20.50
CA GLY A 128 5.75 -19.58 19.63
C GLY A 128 5.93 -19.30 18.16
N VAL A 129 7.15 -18.98 17.74
CA VAL A 129 7.47 -18.61 16.37
C VAL A 129 8.40 -19.67 15.78
N SER A 130 8.16 -20.04 14.53
CA SER A 130 8.97 -21.04 13.81
C SER A 130 10.16 -20.37 13.15
N VAL A 131 11.19 -21.18 12.86
CA VAL A 131 12.47 -20.68 12.38
C VAL A 131 12.95 -21.46 11.15
N GLU A 132 13.51 -20.72 10.22
CA GLU A 132 14.18 -21.23 9.03
C GLU A 132 15.67 -20.86 9.14
N ALA A 133 16.54 -21.76 8.68
CA ALA A 133 17.96 -21.45 8.55
C ALA A 133 18.47 -21.99 7.22
N GLU A 134 19.74 -21.69 6.90
CA GLU A 134 20.30 -21.98 5.60
C GLU A 134 21.66 -22.65 5.77
N LEU A 135 21.96 -23.59 4.89
CA LEU A 135 23.21 -24.33 4.98
C LEU A 135 23.71 -24.62 3.57
N GLY A 136 24.99 -24.32 3.33
CA GLY A 136 25.55 -24.41 2.00
C GLY A 136 25.60 -23.05 1.33
N ARG A 137 26.49 -22.93 0.36
CA ARG A 137 26.68 -21.71 -0.41
C ARG A 137 26.87 -22.09 -1.86
N LEU A 138 26.35 -21.28 -2.77
CA LEU A 138 26.46 -21.57 -4.20
C LEU A 138 27.93 -21.60 -4.61
N VAL A 153 30.37 -23.94 -1.43
CA VAL A 153 30.16 -25.38 -1.52
C VAL A 153 28.73 -25.71 -1.18
N LEU A 154 28.09 -26.55 -1.99
CA LEU A 154 26.70 -26.92 -1.75
C LEU A 154 26.57 -27.65 -0.42
N VAL A 155 25.32 -27.87 -0.01
CA VAL A 155 25.05 -28.43 1.30
C VAL A 155 25.75 -29.80 1.46
N ASN A 156 26.29 -30.02 2.64
CA ASN A 156 26.79 -31.32 3.05
C ASN A 156 25.65 -32.02 3.78
N PRO A 157 25.04 -33.08 3.23
CA PRO A 157 23.84 -33.63 3.88
C PRO A 157 24.09 -34.10 5.29
N LYS A 158 25.28 -34.61 5.61
CA LYS A 158 25.55 -35.02 6.97
C LYS A 158 25.66 -33.82 7.91
N GLU A 159 26.16 -32.67 7.42
CA GLU A 159 26.07 -31.46 8.22
C GLU A 159 24.62 -31.08 8.45
N ALA A 160 23.79 -31.19 7.42
CA ALA A 160 22.40 -30.80 7.58
C ALA A 160 21.74 -31.64 8.64
N GLU A 161 22.05 -32.95 8.66
CA GLU A 161 21.47 -33.83 9.67
C GLU A 161 21.80 -33.35 11.07
N GLN A 162 23.08 -33.10 11.32
CA GLN A 162 23.50 -32.68 12.66
C GLN A 162 22.99 -31.29 12.97
N PHE A 163 23.03 -30.42 11.98
CA PHE A 163 22.59 -29.04 12.15
C PHE A 163 21.14 -29.00 12.63
N VAL A 164 20.28 -29.76 11.97
CA VAL A 164 18.87 -29.77 12.37
C VAL A 164 18.70 -30.41 13.75
N LYS A 165 19.40 -31.50 14.00
CA LYS A 165 19.25 -32.18 15.28
C LYS A 165 19.66 -31.28 16.44
N GLU A 166 20.77 -30.55 16.29
N GLU A 166 20.78 -30.57 16.29
CA GLU A 166 21.27 -29.74 17.40
CA GLU A 166 21.31 -29.73 17.36
C GLU A 166 20.56 -28.40 17.52
C GLU A 166 20.54 -28.42 17.51
N SER A 167 20.20 -27.77 16.40
CA SER A 167 19.58 -26.45 16.45
C SER A 167 18.09 -26.51 16.77
N GLN A 168 17.41 -27.59 16.40
CA GLN A 168 15.96 -27.74 16.46
C GLN A 168 15.24 -26.74 15.54
N VAL A 169 15.94 -26.24 14.52
CA VAL A 169 15.33 -25.40 13.52
C VAL A 169 14.15 -26.13 12.86
N ASP A 170 13.12 -25.38 12.50
CA ASP A 170 11.89 -25.99 12.01
C ASP A 170 11.97 -26.35 10.52
N TYR A 171 12.64 -25.52 9.72
CA TYR A 171 12.81 -25.82 8.31
C TYR A 171 14.18 -25.32 7.88
N LEU A 172 14.74 -25.99 6.86
CA LEU A 172 16.10 -25.75 6.42
C LEU A 172 16.11 -25.48 4.91
N ALA A 173 16.87 -24.47 4.53
CA ALA A 173 17.14 -24.14 3.14
C ALA A 173 18.49 -24.72 2.73
N PRO A 174 18.54 -25.88 2.11
CA PRO A 174 19.84 -26.45 1.72
C PRO A 174 20.27 -25.94 0.37
N ALA A 175 21.53 -25.53 0.23
CA ALA A 175 22.01 -25.04 -1.06
C ALA A 175 22.16 -26.20 -2.01
N ILE A 176 21.39 -26.18 -3.10
CA ILE A 176 21.46 -27.21 -4.12
C ILE A 176 21.63 -26.62 -5.51
N GLY A 177 21.84 -25.31 -5.62
CA GLY A 177 22.18 -24.73 -6.91
C GLY A 177 21.45 -23.45 -7.36
N THR A 178 20.48 -22.98 -6.59
CA THR A 178 19.77 -21.77 -6.98
C THR A 178 20.55 -20.52 -6.54
N SER A 179 20.08 -19.38 -7.05
CA SER A 179 20.48 -18.07 -6.55
C SER A 179 19.33 -17.12 -6.79
N GLN A 180 19.31 -16.03 -6.01
CA GLN A 180 18.21 -15.10 -6.08
C GLN A 180 18.35 -14.20 -7.31
N GLY A 181 17.23 -13.65 -7.75
CA GLY A 181 17.23 -12.71 -8.85
C GLY A 181 16.97 -13.37 -10.19
N ALA A 182 17.04 -12.53 -11.23
CA ALA A 182 16.65 -12.93 -12.56
C ALA A 182 17.74 -13.70 -13.30
N PHE A 183 18.98 -13.72 -12.82
CA PHE A 183 20.11 -14.24 -13.59
C PHE A 183 20.70 -15.45 -12.87
N LYS A 184 19.94 -16.54 -12.86
CA LYS A 184 20.26 -17.70 -12.02
C LYS A 184 21.29 -18.60 -12.68
N PHE A 185 21.23 -18.74 -14.00
CA PHE A 185 22.06 -19.72 -14.70
C PHE A 185 22.72 -19.06 -15.89
N LYS A 186 24.04 -18.93 -15.84
CA LYS A 186 24.81 -18.46 -16.98
C LYS A 186 24.87 -19.50 -18.10
N GLY A 187 24.36 -20.71 -17.83
CA GLY A 187 24.18 -21.73 -18.85
C GLY A 187 22.87 -22.45 -18.68
N GLU A 188 22.92 -23.78 -18.71
CA GLU A 188 21.71 -24.59 -18.61
C GLU A 188 21.30 -24.74 -17.14
N PRO A 189 20.00 -24.67 -16.82
CA PRO A 189 19.56 -24.86 -15.43
C PRO A 189 20.01 -26.20 -14.87
N LYS A 190 20.45 -26.20 -13.61
CA LYS A 190 20.95 -27.40 -12.97
C LYS A 190 20.78 -27.29 -11.46
N LEU A 191 20.09 -28.27 -10.86
CA LEU A 191 19.97 -28.39 -9.42
C LEU A 191 20.41 -29.78 -9.00
N ASP A 192 20.96 -29.88 -7.79
CA ASP A 192 21.49 -31.16 -7.30
C ASP A 192 20.39 -31.89 -6.55
N PHE A 193 19.58 -32.64 -7.30
CA PHE A 193 18.44 -33.32 -6.71
C PHE A 193 18.85 -34.52 -5.86
N GLU A 194 19.98 -35.16 -6.19
CA GLU A 194 20.47 -36.25 -5.34
C GLU A 194 20.83 -35.74 -3.96
N ARG A 195 21.50 -34.59 -3.91
CA ARG A 195 21.83 -33.97 -2.63
C ARG A 195 20.57 -33.59 -1.88
N LEU A 196 19.59 -33.01 -2.59
CA LEU A 196 18.32 -32.67 -1.97
C LEU A 196 17.70 -33.88 -1.29
N GLN A 197 17.62 -35.00 -2.03
CA GLN A 197 16.98 -36.19 -1.48
C GLN A 197 17.72 -36.71 -0.25
N GLU A 198 19.05 -36.60 -0.24
CA GLU A 198 19.80 -37.08 0.92
C GLU A 198 19.55 -36.18 2.12
N VAL A 199 19.54 -34.86 1.92
CA VAL A 199 19.18 -33.96 3.01
C VAL A 199 17.80 -34.31 3.56
N LYS A 200 16.84 -34.52 2.66
CA LYS A 200 15.48 -34.81 3.10
C LYS A 200 15.44 -36.09 3.92
N ARG A 201 16.10 -37.14 3.42
CA ARG A 201 16.11 -38.43 4.10
C ARG A 201 16.70 -38.31 5.50
N LEU A 202 17.80 -37.57 5.64
CA LEU A 202 18.49 -37.49 6.91
C LEU A 202 17.82 -36.54 7.90
N THR A 203 17.16 -35.48 7.43
CA THR A 203 16.60 -34.48 8.34
C THR A 203 15.14 -34.71 8.65
N ASN A 204 14.35 -35.18 7.68
CA ASN A 204 12.92 -35.44 7.85
C ASN A 204 12.21 -34.22 8.44
N ILE A 205 12.52 -33.04 7.91
CA ILE A 205 11.81 -31.81 8.23
C ILE A 205 11.42 -31.10 6.93
N PRO A 206 10.58 -30.08 6.99
CA PRO A 206 10.31 -29.29 5.78
C PRO A 206 11.56 -28.60 5.29
N LEU A 207 11.71 -28.56 3.97
CA LEU A 207 12.86 -27.94 3.34
C LEU A 207 12.41 -26.77 2.48
N VAL A 208 13.35 -25.84 2.28
CA VAL A 208 13.07 -24.55 1.65
C VAL A 208 13.97 -24.40 0.43
N LEU A 209 13.39 -23.94 -0.68
CA LEU A 209 14.11 -23.58 -1.89
C LEU A 209 14.13 -22.07 -2.04
N HIS A 210 15.32 -21.50 -2.00
CA HIS A 210 15.52 -20.09 -2.27
C HIS A 210 15.73 -19.88 -3.77
N GLY A 211 15.50 -18.64 -4.22
CA GLY A 211 15.78 -18.28 -5.61
C GLY A 211 15.00 -19.11 -6.60
N ALA A 212 13.71 -19.28 -6.33
CA ALA A 212 12.88 -20.26 -7.02
C ALA A 212 11.97 -19.65 -8.09
N SER A 213 12.17 -18.39 -8.46
CA SER A 213 11.38 -17.85 -9.57
C SER A 213 11.71 -18.61 -10.86
N ALA A 214 10.71 -18.74 -11.71
CA ALA A 214 10.81 -19.45 -12.99
C ALA A 214 11.01 -18.54 -14.19
N ILE A 215 10.71 -17.25 -14.05
CA ILE A 215 10.53 -16.29 -15.14
C ILE A 215 9.80 -16.95 -16.29
N PRO A 216 8.50 -17.18 -16.14
CA PRO A 216 7.75 -17.90 -17.17
C PRO A 216 7.74 -17.15 -18.50
N ASP A 217 7.55 -17.92 -19.58
CA ASP A 217 7.58 -17.35 -20.92
C ASP A 217 6.59 -16.20 -21.07
N ASN A 218 5.38 -16.37 -20.54
CA ASN A 218 4.37 -15.32 -20.74
C ASN A 218 4.72 -14.07 -19.94
N VAL A 219 5.31 -14.23 -18.77
CA VAL A 219 5.75 -13.09 -17.96
C VAL A 219 6.90 -12.37 -18.67
N ARG A 220 7.86 -13.12 -19.17
CA ARG A 220 8.94 -12.50 -19.95
C ARG A 220 8.37 -11.76 -21.16
N LYS A 221 7.42 -12.38 -21.87
CA LYS A 221 6.83 -11.76 -23.05
C LYS A 221 6.12 -10.46 -22.69
N SER A 222 5.40 -10.44 -21.58
CA SER A 222 4.69 -9.22 -21.18
C SER A 222 5.68 -8.12 -20.88
N TYR A 223 6.79 -8.46 -20.19
CA TYR A 223 7.76 -7.45 -19.81
C TYR A 223 8.47 -6.90 -21.04
N LEU A 224 8.81 -7.77 -21.99
CA LEU A 224 9.47 -7.30 -23.20
C LEU A 224 8.51 -6.51 -24.08
N ASP A 225 7.25 -6.96 -24.19
CA ASP A 225 6.27 -6.20 -24.95
C ASP A 225 6.14 -4.77 -24.40
N ALA A 226 6.21 -4.62 -23.07
CA ALA A 226 6.16 -3.31 -22.44
C ALA A 226 7.45 -2.53 -22.58
N GLY A 227 8.40 -3.01 -23.38
CA GLY A 227 9.63 -2.28 -23.60
C GLY A 227 10.70 -2.52 -22.56
N GLY A 228 10.52 -3.50 -21.67
CA GLY A 228 11.53 -3.82 -20.70
C GLY A 228 12.60 -4.71 -21.28
N ASP A 229 13.68 -4.84 -20.51
CA ASP A 229 14.81 -5.68 -20.90
C ASP A 229 15.22 -6.57 -19.72
N LEU A 230 15.27 -7.87 -19.96
CA LEU A 230 15.62 -8.83 -18.92
C LEU A 230 17.01 -9.42 -19.10
N LYS A 231 17.71 -9.05 -20.17
CA LYS A 231 19.16 -9.24 -20.26
C LYS A 231 19.59 -10.68 -20.03
N GLY A 232 18.95 -11.61 -20.73
CA GLY A 232 19.39 -13.00 -20.67
C GLY A 232 19.02 -13.71 -19.39
N SER A 233 18.09 -13.16 -18.61
CA SER A 233 17.72 -13.77 -17.33
C SER A 233 17.08 -15.13 -17.53
N LYS A 234 17.42 -16.07 -16.66
CA LYS A 234 16.85 -17.41 -16.73
C LYS A 234 16.48 -17.84 -15.31
N GLY A 235 15.25 -18.34 -15.14
CA GLY A 235 14.79 -18.84 -13.87
C GLY A 235 14.86 -20.36 -13.79
N VAL A 236 14.24 -20.89 -12.75
CA VAL A 236 14.16 -22.33 -12.52
C VAL A 236 13.01 -22.89 -13.34
N PRO A 237 13.24 -23.81 -14.28
CA PRO A 237 12.12 -24.32 -15.09
C PRO A 237 11.04 -24.95 -14.24
N PHE A 238 9.80 -24.90 -14.75
CA PHE A 238 8.68 -25.47 -14.02
C PHE A 238 8.96 -26.93 -13.66
N GLU A 239 9.57 -27.69 -14.57
CA GLU A 239 9.83 -29.10 -14.31
C GLU A 239 10.77 -29.27 -13.13
N PHE A 240 11.74 -28.36 -12.98
CA PHE A 240 12.70 -28.43 -11.86
C PHE A 240 12.02 -28.09 -10.54
N LEU A 241 11.06 -27.15 -10.56
CA LEU A 241 10.30 -26.86 -9.36
C LEU A 241 9.49 -28.07 -8.93
N GLN A 242 8.87 -28.75 -9.89
CA GLN A 242 8.10 -29.95 -9.58
C GLN A 242 9.02 -31.04 -9.05
N GLU A 243 10.18 -31.18 -9.67
CA GLU A 243 11.13 -32.18 -9.19
C GLU A 243 11.62 -31.85 -7.79
N SER A 244 11.81 -30.56 -7.51
N SER A 244 11.79 -30.56 -7.48
CA SER A 244 12.23 -30.13 -6.18
CA SER A 244 12.26 -30.20 -6.15
C SER A 244 11.20 -30.55 -5.13
C SER A 244 11.21 -30.50 -5.09
N VAL A 245 9.92 -30.32 -5.42
CA VAL A 245 8.88 -30.70 -4.49
C VAL A 245 8.84 -32.22 -4.34
N LYS A 246 9.00 -32.96 -5.43
CA LYS A 246 9.06 -34.41 -5.31
C LYS A 246 10.23 -34.83 -4.44
N GLY A 247 11.32 -34.07 -4.43
CA GLY A 247 12.47 -34.35 -3.59
C GLY A 247 12.35 -33.90 -2.15
N GLY A 248 11.29 -33.18 -1.77
CA GLY A 248 11.08 -32.80 -0.40
C GLY A 248 11.10 -31.31 -0.11
N ILE A 249 11.17 -30.46 -1.13
CA ILE A 249 10.98 -29.02 -0.90
C ILE A 249 9.53 -28.74 -0.56
N ASN A 250 9.29 -27.99 0.53
CA ASN A 250 7.95 -27.64 0.96
C ASN A 250 7.69 -26.15 1.02
N LYS A 251 8.73 -25.32 0.94
CA LYS A 251 8.59 -23.86 0.95
C LYS A 251 9.37 -23.32 -0.23
N VAL A 252 8.73 -22.53 -1.11
CA VAL A 252 9.33 -22.18 -2.40
C VAL A 252 9.34 -20.65 -2.52
N ASN A 253 10.49 -20.05 -2.25
CA ASN A 253 10.60 -18.60 -2.16
C ASN A 253 10.49 -17.98 -3.55
N THR A 254 9.53 -17.06 -3.70
CA THR A 254 9.13 -16.52 -5.00
C THR A 254 8.93 -15.02 -4.89
N ASP A 255 9.73 -14.25 -5.62
CA ASP A 255 9.70 -12.79 -5.55
C ASP A 255 9.88 -12.18 -6.95
N THR A 256 10.98 -12.51 -7.62
CA THR A 256 11.29 -11.95 -8.93
C THR A 256 10.14 -12.09 -9.92
N ASP A 257 9.55 -13.29 -10.01
CA ASP A 257 8.42 -13.49 -10.93
C ASP A 257 7.31 -12.48 -10.65
N LEU A 258 7.03 -12.22 -9.37
CA LEU A 258 5.97 -11.29 -9.02
C LEU A 258 6.31 -9.88 -9.47
N ARG A 259 7.56 -9.47 -9.24
CA ARG A 259 7.98 -8.11 -9.59
C ARG A 259 7.93 -7.88 -11.10
N ILE A 260 8.40 -8.86 -11.86
CA ILE A 260 8.44 -8.69 -13.32
C ILE A 260 7.02 -8.57 -13.86
N ALA A 261 6.13 -9.46 -13.41
CA ALA A 261 4.75 -9.42 -13.90
C ALA A 261 4.07 -8.10 -13.54
N PHE A 262 4.30 -7.62 -12.33
CA PHE A 262 3.71 -6.39 -11.86
C PHE A 262 4.22 -5.20 -12.67
N ILE A 263 5.54 -5.05 -12.75
CA ILE A 263 6.13 -3.89 -13.39
C ILE A 263 5.92 -3.91 -14.91
N ALA A 264 5.85 -5.09 -15.54
CA ALA A 264 5.44 -5.15 -16.94
C ALA A 264 4.16 -4.36 -17.18
N GLU A 265 3.16 -4.54 -16.30
CA GLU A 265 1.87 -3.87 -16.54
C GLU A 265 1.96 -2.37 -16.26
N VAL A 266 2.78 -1.97 -15.28
CA VAL A 266 3.00 -0.56 -15.02
C VAL A 266 3.63 0.09 -16.24
N ARG A 267 4.67 -0.55 -16.79
CA ARG A 267 5.33 -0.05 -17.98
C ARG A 267 4.34 0.07 -19.14
N LYS A 268 3.47 -0.93 -19.29
CA LYS A 268 2.55 -0.94 -20.41
C LYS A 268 1.60 0.24 -20.33
N VAL A 269 1.05 0.50 -19.14
CA VAL A 269 0.13 1.63 -18.98
C VAL A 269 0.85 2.93 -19.29
N ALA A 270 2.07 3.09 -18.77
CA ALA A 270 2.82 4.32 -19.00
C ALA A 270 3.05 4.53 -20.49
N ASN A 271 3.32 3.44 -21.22
CA ASN A 271 3.61 3.52 -22.65
C ASN A 271 2.38 3.90 -23.46
N GLU A 272 1.23 3.33 -23.13
CA GLU A 272 0.08 3.41 -24.01
C GLU A 272 -0.79 4.63 -23.75
N ASP A 273 -0.64 5.29 -22.59
CA ASP A 273 -1.38 6.53 -22.34
C ASP A 273 -0.47 7.50 -21.57
N LYS A 274 0.11 8.46 -22.29
CA LYS A 274 0.98 9.44 -21.65
C LYS A 274 0.22 10.38 -20.73
N SER A 275 -1.10 10.47 -20.85
CA SER A 275 -1.88 11.35 -20.01
C SER A 275 -2.36 10.67 -18.73
N GLN A 276 -2.07 9.39 -18.55
CA GLN A 276 -2.61 8.63 -17.41
C GLN A 276 -1.78 8.85 -16.15
N PHE A 277 -2.43 9.32 -15.08
CA PHE A 277 -1.75 9.42 -13.80
C PHE A 277 -2.60 8.98 -12.62
N ASP A 278 -3.70 8.26 -12.86
CA ASP A 278 -4.43 7.60 -11.79
C ASP A 278 -3.67 6.35 -11.38
N LEU A 279 -3.19 6.32 -10.13
CA LEU A 279 -2.37 5.20 -9.68
C LEU A 279 -3.10 3.88 -9.87
N ARG A 280 -4.42 3.88 -9.65
CA ARG A 280 -5.19 2.65 -9.75
C ARG A 280 -5.18 2.08 -11.15
N LYS A 281 -5.08 2.94 -12.17
CA LYS A 281 -5.07 2.48 -13.55
C LYS A 281 -3.76 1.78 -13.90
N PHE A 282 -2.67 2.12 -13.20
CA PHE A 282 -1.41 1.40 -13.33
C PHE A 282 -1.43 0.10 -12.55
N PHE A 283 -1.95 0.14 -11.33
CA PHE A 283 -1.74 -0.97 -10.39
C PHE A 283 -2.84 -2.00 -10.37
N SER A 284 -4.03 -1.70 -10.89
CA SER A 284 -5.03 -2.78 -11.01
C SER A 284 -4.58 -3.83 -12.02
N PRO A 285 -4.16 -3.49 -13.24
CA PRO A 285 -3.65 -4.55 -14.12
C PRO A 285 -2.37 -5.17 -13.59
N ALA A 286 -1.56 -4.41 -12.86
CA ALA A 286 -0.35 -4.98 -12.27
C ALA A 286 -0.67 -6.04 -11.22
N GLN A 287 -1.65 -5.76 -10.36
CA GLN A 287 -2.13 -6.74 -9.40
C GLN A 287 -2.63 -8.00 -10.10
N LEU A 288 -3.42 -7.82 -11.17
CA LEU A 288 -3.98 -8.97 -11.86
C LEU A 288 -2.86 -9.87 -12.38
N ALA A 289 -1.82 -9.28 -12.96
CA ALA A 289 -0.74 -10.09 -13.52
C ALA A 289 0.01 -10.81 -12.41
N LEU A 290 0.28 -10.12 -11.30
CA LEU A 290 0.93 -10.77 -10.15
C LEU A 290 0.07 -11.90 -9.61
N LYS A 291 -1.23 -11.63 -9.42
CA LYS A 291 -2.16 -12.64 -8.92
C LYS A 291 -2.12 -13.89 -9.78
N ASN A 292 -2.10 -13.74 -11.10
CA ASN A 292 -2.14 -14.90 -11.96
C ASN A 292 -0.85 -15.71 -11.86
N VAL A 293 0.29 -15.05 -11.73
CA VAL A 293 1.54 -15.78 -11.50
C VAL A 293 1.43 -16.62 -10.23
N VAL A 294 0.90 -16.04 -9.16
CA VAL A 294 0.79 -16.76 -7.89
C VAL A 294 -0.18 -17.93 -8.03
N LYS A 295 -1.34 -17.71 -8.63
CA LYS A 295 -2.31 -18.79 -8.82
C LYS A 295 -1.67 -19.97 -9.56
N GLU A 296 -1.03 -19.68 -10.69
CA GLU A 296 -0.40 -20.76 -11.46
C GLU A 296 0.67 -21.47 -10.62
N ARG A 297 1.44 -20.71 -9.85
CA ARG A 297 2.49 -21.30 -9.05
C ARG A 297 1.94 -22.18 -7.94
N MET A 298 0.83 -21.76 -7.30
CA MET A 298 0.19 -22.60 -6.30
C MET A 298 -0.26 -23.93 -6.90
N LYS A 299 -0.83 -23.88 -8.09
CA LYS A 299 -1.24 -25.11 -8.75
C LYS A 299 -0.03 -26.00 -9.07
N LEU A 300 1.03 -25.39 -9.59
CA LEU A 300 2.23 -26.13 -9.95
C LEU A 300 2.85 -26.84 -8.75
N LEU A 301 2.92 -26.15 -7.62
CA LEU A 301 3.60 -26.68 -6.44
C LEU A 301 2.73 -27.63 -5.63
N GLY A 302 1.42 -27.63 -5.86
CA GLY A 302 0.53 -28.55 -5.19
C GLY A 302 -0.17 -28.04 -3.96
N SER A 303 -0.19 -26.74 -3.71
CA SER A 303 -0.91 -26.21 -2.56
C SER A 303 -2.34 -25.82 -2.88
N ALA A 304 -2.74 -25.85 -4.15
CA ALA A 304 -4.14 -25.56 -4.49
C ALA A 304 -5.07 -26.61 -3.88
N ASN A 305 -6.21 -26.15 -3.42
CA ASN A 305 -7.26 -27.01 -2.87
C ASN A 305 -6.78 -27.78 -1.65
N LYS A 306 -5.86 -27.20 -0.88
CA LYS A 306 -5.36 -27.81 0.34
C LYS A 306 -5.89 -27.17 1.62
N ILE A 307 -6.79 -26.19 1.53
CA ILE A 307 -7.34 -25.61 2.74
C ILE A 307 -8.66 -26.27 3.07
N MET B 1 -3.19 12.18 16.88
CA MET B 1 -4.05 10.96 16.95
C MET B 1 -5.25 11.13 16.03
N LEU B 2 -6.05 10.07 15.91
CA LEU B 2 -7.26 10.09 15.06
C LEU B 2 -8.44 10.77 15.77
N VAL B 3 -8.99 11.81 15.14
CA VAL B 3 -9.94 12.69 15.79
C VAL B 3 -11.05 13.08 14.82
N LYS B 4 -12.17 13.49 15.41
CA LYS B 4 -13.28 14.10 14.69
C LYS B 4 -12.78 15.19 13.76
N GLY B 5 -13.29 15.21 12.52
CA GLY B 5 -12.83 16.21 11.56
C GLY B 5 -13.04 17.64 12.05
N ASN B 6 -14.14 17.87 12.75
CA ASN B 6 -14.44 19.21 13.23
C ASN B 6 -13.40 19.71 14.22
N GLU B 7 -12.75 18.80 14.94
CA GLU B 7 -11.74 19.23 15.90
C GLU B 7 -10.62 19.99 15.17
N ILE B 8 -10.19 19.47 14.02
CA ILE B 8 -9.15 20.09 13.22
C ILE B 8 -9.68 21.34 12.53
N LEU B 9 -10.85 21.26 11.94
CA LEU B 9 -11.30 22.38 11.13
C LEU B 9 -11.90 23.51 11.96
N LEU B 10 -12.40 23.27 13.17
CA LEU B 10 -12.81 24.39 14.01
C LEU B 10 -11.62 25.25 14.38
N LYS B 11 -10.47 24.63 14.63
CA LYS B 11 -9.27 25.41 14.91
C LYS B 11 -8.84 26.21 13.70
N ALA B 12 -8.83 25.59 12.52
CA ALA B 12 -8.47 26.30 11.30
C ALA B 12 -9.43 27.46 11.04
N HIS B 13 -10.71 27.23 11.31
CA HIS B 13 -11.72 28.27 11.14
C HIS B 13 -11.47 29.45 12.06
N LYS B 14 -11.27 29.19 13.35
CA LYS B 14 -11.06 30.26 14.31
C LYS B 14 -9.77 31.04 14.04
N GLU B 15 -8.73 30.34 13.61
CA GLU B 15 -7.41 30.94 13.44
C GLU B 15 -7.13 31.36 12.00
N GLY B 16 -8.02 31.06 11.07
CA GLY B 16 -7.89 31.62 9.73
C GLY B 16 -6.84 30.97 8.85
N TYR B 17 -6.68 29.65 8.92
CA TYR B 17 -5.78 28.96 8.02
C TYR B 17 -6.50 27.80 7.36
N GLY B 18 -5.85 27.24 6.35
CA GLY B 18 -6.38 26.13 5.60
C GLY B 18 -5.61 24.85 5.87
N VAL B 19 -6.35 23.76 5.98
CA VAL B 19 -5.79 22.42 6.16
C VAL B 19 -6.02 21.64 4.88
N GLY B 20 -4.92 21.26 4.21
CA GLY B 20 -5.05 20.39 3.06
C GLY B 20 -5.71 19.07 3.43
N ALA B 21 -6.55 18.60 2.53
CA ALA B 21 -7.24 17.33 2.66
C ALA B 21 -6.75 16.47 1.52
N PHE B 22 -5.89 15.51 1.84
CA PHE B 22 -5.09 14.83 0.83
C PHE B 22 -5.65 13.44 0.58
N ASN B 23 -5.97 13.16 -0.67
CA ASN B 23 -6.49 11.85 -1.05
C ASN B 23 -5.38 10.81 -1.07
N PHE B 24 -5.76 9.56 -0.76
CA PHE B 24 -4.84 8.44 -0.94
C PHE B 24 -5.58 7.24 -1.52
N VAL B 25 -4.82 6.37 -2.19
CA VAL B 25 -5.36 5.10 -2.71
C VAL B 25 -4.53 3.90 -2.26
N ASN B 26 -3.38 4.12 -1.63
CA ASN B 26 -2.56 2.99 -1.21
C ASN B 26 -1.54 3.42 -0.14
N PHE B 27 -0.62 2.51 0.20
CA PHE B 27 0.33 2.77 1.27
C PHE B 27 1.29 3.91 0.92
N GLU B 28 1.82 3.90 -0.30
CA GLU B 28 2.84 4.88 -0.65
C GLU B 28 2.29 6.29 -0.58
N MET B 29 1.06 6.52 -1.05
CA MET B 29 0.51 7.86 -0.94
C MET B 29 0.35 8.25 0.52
N LEU B 30 -0.20 7.33 1.32
CA LEU B 30 -0.45 7.60 2.73
C LEU B 30 0.83 7.90 3.47
N ASN B 31 1.87 7.10 3.24
CA ASN B 31 3.12 7.30 3.94
C ASN B 31 3.71 8.67 3.63
N ALA B 32 3.67 9.08 2.37
CA ALA B 32 4.23 10.36 1.97
C ALA B 32 3.46 11.52 2.60
N ILE B 33 2.14 11.39 2.68
CA ILE B 33 1.33 12.44 3.29
C ILE B 33 1.68 12.60 4.77
N PHE B 34 1.77 11.48 5.49
CA PHE B 34 2.10 11.53 6.91
C PHE B 34 3.51 12.09 7.13
N GLU B 35 4.48 11.66 6.34
CA GLU B 35 5.82 12.20 6.52
C GLU B 35 5.85 13.69 6.29
N ALA B 36 5.08 14.17 5.31
CA ALA B 36 4.97 15.61 5.11
C ALA B 36 4.41 16.30 6.35
N GLY B 37 3.32 15.76 6.92
CA GLY B 37 2.74 16.40 8.10
C GLY B 37 3.69 16.37 9.28
N ASN B 38 4.44 15.27 9.41
CA ASN B 38 5.44 15.22 10.47
C ASN B 38 6.53 16.26 10.27
N GLU B 39 7.00 16.41 9.04
CA GLU B 39 8.12 17.31 8.77
C GLU B 39 7.73 18.77 8.80
N GLU B 40 6.46 19.08 8.55
CA GLU B 40 5.99 20.46 8.62
C GLU B 40 5.21 20.77 9.89
N ASN B 41 5.07 19.81 10.80
CA ASN B 41 4.33 20.01 12.04
C ASN B 41 2.92 20.50 11.77
N SER B 42 2.25 19.80 10.86
CA SER B 42 0.94 20.16 10.36
C SER B 42 -0.12 19.12 10.72
N PRO B 43 -1.32 19.54 11.12
CA PRO B 43 -2.44 18.59 11.16
C PRO B 43 -2.72 18.04 9.77
N LEU B 44 -3.35 16.86 9.75
CA LEU B 44 -3.60 16.10 8.54
C LEU B 44 -5.09 15.80 8.42
N PHE B 45 -5.69 16.16 7.28
CA PHE B 45 -6.94 15.55 6.83
C PHE B 45 -6.58 14.52 5.77
N ILE B 46 -6.85 13.25 6.06
CA ILE B 46 -6.64 12.17 5.11
C ILE B 46 -8.00 11.81 4.55
N GLN B 47 -8.11 11.74 3.24
CA GLN B 47 -9.42 11.40 2.70
C GLN B 47 -9.34 10.33 1.62
N ALA B 48 -10.42 9.59 1.53
CA ALA B 48 -10.55 8.47 0.60
C ALA B 48 -11.87 8.62 -0.11
N SER B 49 -11.83 8.60 -1.44
CA SER B 49 -13.03 8.57 -2.25
C SER B 49 -13.68 7.18 -2.20
N GLU B 50 -14.91 7.10 -2.71
CA GLU B 50 -15.57 5.80 -2.79
C GLU B 50 -14.78 4.85 -3.69
N GLY B 51 -14.18 5.37 -4.76
CA GLY B 51 -13.38 4.53 -5.62
C GLY B 51 -12.09 4.07 -4.94
N ALA B 52 -11.48 4.95 -4.15
CA ALA B 52 -10.31 4.52 -3.40
C ALA B 52 -10.66 3.45 -2.37
N ILE B 53 -11.84 3.57 -1.74
CA ILE B 53 -12.30 2.58 -0.78
C ILE B 53 -12.57 1.23 -1.45
N LYS B 54 -13.16 1.26 -2.66
CA LYS B 54 -13.38 0.02 -3.39
C LYS B 54 -12.06 -0.64 -3.72
N TYR B 55 -11.06 0.15 -4.08
CA TYR B 55 -9.75 -0.35 -4.47
C TYR B 55 -9.02 -0.97 -3.29
N MET B 56 -9.00 -0.27 -2.15
CA MET B 56 -8.29 -0.74 -0.96
C MET B 56 -9.09 -1.74 -0.16
N GLY B 57 -10.42 -1.62 -0.18
CA GLY B 57 -11.27 -2.22 0.82
C GLY B 57 -11.33 -1.30 2.02
N ILE B 58 -12.52 -1.04 2.55
CA ILE B 58 -12.63 -0.03 3.59
C ILE B 58 -11.88 -0.45 4.85
N ASP B 59 -11.75 -1.77 5.09
CA ASP B 59 -11.01 -2.27 6.24
C ASP B 59 -9.52 -1.92 6.15
N MET B 60 -8.97 -1.94 4.96
CA MET B 60 -7.57 -1.58 4.77
C MET B 60 -7.37 -0.07 4.77
N ALA B 61 -8.33 0.68 4.20
CA ALA B 61 -8.23 2.14 4.23
C ALA B 61 -8.13 2.63 5.67
N VAL B 62 -9.07 2.19 6.52
CA VAL B 62 -9.05 2.59 7.92
C VAL B 62 -7.85 2.00 8.62
N GLY B 63 -7.59 0.71 8.37
CA GLY B 63 -6.52 0.03 9.10
C GLY B 63 -5.16 0.65 8.89
N MET B 64 -4.83 1.00 7.64
CA MET B 64 -3.55 1.63 7.36
C MET B 64 -3.46 2.99 8.04
N VAL B 65 -4.55 3.75 8.03
CA VAL B 65 -4.52 5.07 8.64
C VAL B 65 -4.32 4.95 10.15
N LYS B 66 -4.96 3.97 10.77
CA LYS B 66 -4.79 3.79 12.21
C LYS B 66 -3.36 3.41 12.56
N ILE B 67 -2.73 2.58 11.73
CA ILE B 67 -1.31 2.27 11.92
C ILE B 67 -0.47 3.54 11.82
N MET B 68 -0.73 4.36 10.80
CA MET B 68 0.07 5.58 10.61
C MET B 68 -0.13 6.56 11.75
N CYS B 69 -1.37 6.71 12.22
N CYS B 69 -1.35 6.69 12.27
CA CYS B 69 -1.63 7.56 13.38
CA CYS B 69 -1.55 7.63 13.37
C CYS B 69 -0.82 7.12 14.59
C CYS B 69 -0.91 7.13 14.65
N GLU B 70 -0.75 5.81 14.84
N GLU B 70 -0.76 5.80 14.82
CA GLU B 70 0.03 5.31 15.97
CA GLU B 70 0.02 5.29 15.95
C GLU B 70 1.53 5.53 15.75
C GLU B 70 1.51 5.55 15.75
N ARG B 71 1.96 5.59 14.50
CA ARG B 71 3.37 5.87 14.21
C ARG B 71 3.70 7.34 14.48
N TYR B 72 2.72 8.22 14.33
CA TYR B 72 2.90 9.66 14.52
C TYR B 72 1.79 10.15 15.45
N PRO B 73 1.82 9.76 16.74
CA PRO B 73 0.68 10.04 17.62
C PRO B 73 0.49 11.51 17.96
N HIS B 74 1.50 12.36 17.77
CA HIS B 74 1.42 13.78 18.06
C HIS B 74 0.71 14.57 16.96
N ILE B 75 0.42 13.98 15.82
CA ILE B 75 -0.20 14.69 14.69
C ILE B 75 -1.71 14.52 14.79
N PRO B 76 -2.49 15.60 14.83
CA PRO B 76 -3.95 15.47 14.68
C PRO B 76 -4.30 14.99 13.28
N VAL B 77 -5.07 13.90 13.22
CA VAL B 77 -5.45 13.29 11.95
C VAL B 77 -6.94 13.04 11.94
N ALA B 78 -7.61 13.48 10.90
CA ALA B 78 -8.99 13.09 10.62
C ALA B 78 -9.01 12.21 9.38
N LEU B 79 -9.87 11.20 9.40
CA LEU B 79 -10.04 10.29 8.27
C LEU B 79 -11.41 10.54 7.67
N HIS B 80 -11.44 10.94 6.40
CA HIS B 80 -12.62 11.55 5.81
C HIS B 80 -13.05 10.81 4.55
N LEU B 81 -14.34 10.50 4.46
CA LEU B 81 -14.97 9.96 3.26
C LEU B 81 -15.21 11.11 2.30
N ASP B 82 -14.51 11.08 1.19
CA ASP B 82 -14.59 12.13 0.19
C ASP B 82 -15.67 11.80 -0.84
N HIS B 83 -16.61 12.73 -1.02
N HIS B 83 -16.61 12.72 -1.03
CA HIS B 83 -17.70 12.60 -2.00
CA HIS B 83 -17.67 12.58 -2.03
C HIS B 83 -18.45 11.29 -1.85
C HIS B 83 -18.45 11.28 -1.85
N GLY B 84 -18.93 11.04 -0.63
CA GLY B 84 -19.93 10.01 -0.43
C GLY B 84 -21.17 10.35 -1.24
N THR B 85 -21.75 9.34 -1.88
CA THR B 85 -22.86 9.54 -2.81
C THR B 85 -24.18 9.07 -2.26
N THR B 86 -24.19 8.28 -1.20
CA THR B 86 -25.42 7.77 -0.60
C THR B 86 -25.30 7.79 0.91
N PHE B 87 -26.46 7.82 1.55
CA PHE B 87 -26.53 7.64 2.99
C PHE B 87 -25.82 6.36 3.42
N GLU B 88 -26.07 5.27 2.69
CA GLU B 88 -25.52 3.98 3.08
C GLU B 88 -23.99 3.99 3.04
N SER B 89 -23.40 4.66 2.04
CA SER B 89 -21.96 4.77 1.96
C SER B 89 -21.41 5.52 3.17
N CYS B 90 -22.03 6.66 3.52
CA CYS B 90 -21.61 7.41 4.70
C CYS B 90 -21.74 6.57 5.96
N GLU B 91 -22.82 5.81 6.09
CA GLU B 91 -22.99 4.98 7.28
C GLU B 91 -21.94 3.88 7.34
N LYS B 92 -21.63 3.25 6.20
CA LYS B 92 -20.56 2.25 6.18
C LYS B 92 -19.24 2.85 6.63
N ALA B 93 -18.95 4.08 6.20
CA ALA B 93 -17.71 4.72 6.60
C ALA B 93 -17.71 5.01 8.10
N VAL B 94 -18.82 5.52 8.62
CA VAL B 94 -18.93 5.72 10.07
C VAL B 94 -18.67 4.41 10.82
N LYS B 95 -19.31 3.32 10.39
CA LYS B 95 -19.14 2.04 11.08
C LYS B 95 -17.71 1.53 10.99
N ALA B 96 -17.03 1.79 9.89
CA ALA B 96 -15.67 1.30 9.71
C ALA B 96 -14.64 2.11 10.49
N GLY B 97 -14.97 3.31 10.95
CA GLY B 97 -14.06 4.10 11.76
C GLY B 97 -13.62 5.43 11.19
N PHE B 98 -14.22 5.88 10.10
CA PHE B 98 -13.98 7.23 9.62
C PHE B 98 -14.44 8.23 10.67
N THR B 99 -13.74 9.36 10.75
CA THR B 99 -14.09 10.41 11.71
C THR B 99 -14.68 11.63 11.04
N SER B 100 -14.85 11.59 9.73
CA SER B 100 -15.50 12.64 8.97
C SER B 100 -16.08 12.01 7.72
N VAL B 101 -17.28 12.42 7.32
CA VAL B 101 -17.86 11.96 6.06
C VAL B 101 -18.43 13.13 5.29
N MET B 102 -18.30 13.05 3.97
CA MET B 102 -18.96 14.00 3.07
C MET B 102 -20.11 13.32 2.37
N ILE B 103 -21.28 13.98 2.35
CA ILE B 103 -22.37 13.58 1.48
C ILE B 103 -22.49 14.66 0.39
N ASP B 104 -22.36 14.25 -0.85
CA ASP B 104 -22.50 15.17 -1.98
C ASP B 104 -23.87 14.96 -2.60
N ALA B 105 -24.78 15.85 -2.23
CA ALA B 105 -26.12 15.90 -2.80
C ALA B 105 -26.35 17.20 -3.56
N SER B 106 -25.27 17.84 -4.03
CA SER B 106 -25.37 19.18 -4.62
C SER B 106 -26.07 19.17 -5.97
N HIS B 107 -26.20 18.00 -6.61
CA HIS B 107 -26.94 17.90 -7.85
C HIS B 107 -28.45 17.88 -7.64
N HIS B 108 -28.91 17.73 -6.40
CA HIS B 108 -30.32 17.84 -6.09
C HIS B 108 -30.72 19.29 -5.89
N ALA B 109 -32.02 19.53 -5.97
CA ALA B 109 -32.57 20.80 -5.55
C ALA B 109 -32.34 21.01 -4.06
N PHE B 110 -32.41 22.28 -3.65
CA PHE B 110 -32.11 22.66 -2.27
C PHE B 110 -32.78 21.75 -1.26
N GLU B 111 -34.09 21.56 -1.38
CA GLU B 111 -34.84 20.85 -0.35
C GLU B 111 -34.38 19.41 -0.20
N GLU B 112 -34.07 18.75 -1.32
CA GLU B 112 -33.65 17.35 -1.27
C GLU B 112 -32.21 17.21 -0.78
N ASN B 113 -31.32 18.11 -1.23
CA ASN B 113 -29.98 18.20 -0.68
C ASN B 113 -30.03 18.39 0.84
N LEU B 114 -30.84 19.34 1.29
CA LEU B 114 -30.96 19.58 2.72
C LEU B 114 -31.50 18.35 3.46
N GLU B 115 -32.54 17.71 2.92
CA GLU B 115 -33.10 16.54 3.60
C GLU B 115 -32.07 15.43 3.73
N LEU B 116 -31.36 15.11 2.65
CA LEU B 116 -30.41 13.99 2.68
C LEU B 116 -29.22 14.35 3.55
N THR B 117 -28.71 15.57 3.45
CA THR B 117 -27.62 15.98 4.31
C THR B 117 -28.02 15.89 5.77
N SER B 118 -29.25 16.33 6.10
CA SER B 118 -29.69 16.27 7.48
C SER B 118 -29.76 14.84 7.99
N LYS B 119 -30.20 13.91 7.14
N LYS B 119 -30.22 13.91 7.14
CA LYS B 119 -30.24 12.49 7.51
CA LYS B 119 -30.25 12.49 7.47
C LYS B 119 -28.84 11.97 7.81
C LYS B 119 -28.86 11.96 7.80
N VAL B 120 -27.88 12.30 6.95
CA VAL B 120 -26.49 11.88 7.19
C VAL B 120 -25.96 12.52 8.48
N VAL B 121 -26.25 13.81 8.70
CA VAL B 121 -25.78 14.48 9.90
C VAL B 121 -26.31 13.81 11.15
N LYS B 122 -27.60 13.44 11.16
CA LYS B 122 -28.16 12.82 12.36
C LYS B 122 -27.44 11.54 12.69
N MET B 123 -27.23 10.70 11.67
CA MET B 123 -26.55 9.42 11.84
C MET B 123 -25.10 9.63 12.26
N ALA B 124 -24.40 10.54 11.60
CA ALA B 124 -22.98 10.73 11.91
C ALA B 124 -22.78 11.34 13.29
N HIS B 125 -23.58 12.35 13.61
CA HIS B 125 -23.41 12.99 14.90
C HIS B 125 -23.71 12.04 16.06
N ASN B 126 -24.65 11.12 15.87
N ASN B 126 -24.66 11.13 15.89
CA ASN B 126 -24.94 10.14 16.91
CA ASN B 126 -24.94 10.14 16.92
C ASN B 126 -23.72 9.27 17.19
C ASN B 126 -23.74 9.24 17.16
N ALA B 127 -22.85 9.11 16.19
CA ALA B 127 -21.64 8.31 16.30
C ALA B 127 -20.39 9.13 16.53
N GLY B 128 -20.52 10.45 16.73
CA GLY B 128 -19.35 11.27 17.01
C GLY B 128 -18.51 11.58 15.79
N VAL B 129 -19.12 11.61 14.62
CA VAL B 129 -18.44 11.81 13.34
C VAL B 129 -18.92 13.12 12.73
N SER B 130 -18.00 13.89 12.17
CA SER B 130 -18.28 15.17 11.55
C SER B 130 -18.73 14.99 10.11
N VAL B 131 -19.44 15.99 9.58
CA VAL B 131 -20.04 15.89 8.25
C VAL B 131 -19.73 17.13 7.42
N GLU B 132 -19.45 16.87 6.14
CA GLU B 132 -19.28 17.86 5.07
C GLU B 132 -20.44 17.69 4.08
N ALA B 133 -20.91 18.80 3.53
CA ALA B 133 -21.90 18.79 2.44
C ALA B 133 -21.48 19.83 1.40
N GLU B 134 -22.21 19.87 0.29
CA GLU B 134 -21.86 20.70 -0.87
C GLU B 134 -23.10 21.42 -1.37
N LEU B 135 -22.91 22.66 -1.79
CA LEU B 135 -24.01 23.48 -2.27
C LEU B 135 -23.54 24.32 -3.44
N GLY B 136 -24.34 24.35 -4.50
CA GLY B 136 -23.93 24.96 -5.73
C GLY B 136 -23.33 23.95 -6.69
N ARG B 137 -23.31 24.33 -7.98
CA ARG B 137 -22.78 23.51 -9.05
C ARG B 137 -22.13 24.42 -10.08
N LEU B 138 -21.12 23.91 -10.74
CA LEU B 138 -20.44 24.68 -11.77
C LEU B 138 -21.22 24.65 -13.08
N VAL B 153 -25.79 26.53 -11.14
CA VAL B 153 -25.55 27.82 -10.51
C VAL B 153 -24.51 27.71 -9.39
N LEU B 154 -23.64 28.72 -9.27
CA LEU B 154 -22.76 28.80 -8.12
C LEU B 154 -23.59 28.94 -6.84
N VAL B 155 -22.91 28.87 -5.69
CA VAL B 155 -23.63 28.84 -4.42
C VAL B 155 -24.44 30.13 -4.25
N ASN B 156 -25.62 29.97 -3.68
CA ASN B 156 -26.47 31.08 -3.28
C ASN B 156 -26.19 31.31 -1.81
N PRO B 157 -25.50 32.37 -1.41
CA PRO B 157 -25.08 32.49 -0.01
C PRO B 157 -26.25 32.45 0.96
N LYS B 158 -27.41 32.95 0.56
CA LYS B 158 -28.56 32.89 1.46
C LYS B 158 -29.08 31.47 1.61
N GLU B 159 -29.01 30.65 0.55
CA GLU B 159 -29.27 29.22 0.70
C GLU B 159 -28.27 28.57 1.65
N ALA B 160 -27.00 28.94 1.51
CA ALA B 160 -25.98 28.37 2.39
C ALA B 160 -26.29 28.67 3.85
N GLU B 161 -26.71 29.91 4.14
CA GLU B 161 -27.03 30.28 5.51
C GLU B 161 -28.11 29.36 6.07
N GLN B 162 -29.21 29.20 5.33
CA GLN B 162 -30.31 28.37 5.81
C GLN B 162 -29.91 26.91 5.86
N PHE B 163 -29.22 26.46 4.82
CA PHE B 163 -28.76 25.07 4.73
C PHE B 163 -27.95 24.68 5.96
N VAL B 164 -26.99 25.52 6.34
CA VAL B 164 -26.14 25.21 7.48
C VAL B 164 -26.93 25.23 8.77
N LYS B 165 -27.79 26.23 8.95
CA LYS B 165 -28.55 26.32 10.19
C LYS B 165 -29.46 25.11 10.37
N GLU B 166 -30.18 24.70 9.32
N GLU B 166 -30.18 24.73 9.31
CA GLU B 166 -31.15 23.62 9.47
CA GLU B 166 -31.15 23.64 9.37
C GLU B 166 -30.52 22.23 9.45
C GLU B 166 -30.46 22.28 9.52
N SER B 167 -29.41 22.03 8.74
CA SER B 167 -28.80 20.70 8.66
C SER B 167 -27.89 20.40 9.83
N GLN B 168 -27.31 21.44 10.44
CA GLN B 168 -26.28 21.32 11.46
C GLN B 168 -25.00 20.69 10.94
N VAL B 169 -24.80 20.75 9.62
CA VAL B 169 -23.58 20.24 9.02
C VAL B 169 -22.35 20.99 9.59
N ASP B 170 -21.25 20.26 9.73
CA ASP B 170 -20.07 20.84 10.36
C ASP B 170 -19.28 21.72 9.40
N TYR B 171 -19.18 21.34 8.13
CA TYR B 171 -18.45 22.18 7.19
C TYR B 171 -19.15 22.07 5.83
N LEU B 172 -19.04 23.14 5.04
CA LEU B 172 -19.74 23.28 3.79
C LEU B 172 -18.75 23.54 2.67
N ALA B 173 -18.95 22.85 1.54
CA ALA B 173 -18.21 23.13 0.31
C ALA B 173 -19.09 23.99 -0.61
N PRO B 174 -18.87 25.30 -0.67
CA PRO B 174 -19.67 26.16 -1.55
C PRO B 174 -19.07 26.24 -2.95
N ALA B 175 -19.88 26.07 -3.97
CA ALA B 175 -19.38 26.14 -5.32
C ALA B 175 -19.04 27.59 -5.67
N ILE B 176 -17.78 27.84 -6.00
CA ILE B 176 -17.34 29.18 -6.36
C ILE B 176 -16.53 29.15 -7.65
N GLY B 177 -16.44 28.00 -8.33
CA GLY B 177 -15.80 27.96 -9.64
C GLY B 177 -14.77 26.86 -9.89
N THR B 178 -14.46 26.07 -8.89
CA THR B 178 -13.49 25.01 -9.13
C THR B 178 -14.16 23.76 -9.71
N SER B 179 -13.33 22.82 -10.14
CA SER B 179 -13.75 21.51 -10.59
C SER B 179 -12.57 20.57 -10.43
N GLN B 180 -12.86 19.28 -10.32
CA GLN B 180 -11.81 18.30 -10.06
C GLN B 180 -11.01 18.02 -11.33
N GLY B 181 -9.78 17.54 -11.12
CA GLY B 181 -8.94 17.12 -12.22
C GLY B 181 -8.00 18.21 -12.70
N ALA B 182 -7.29 17.88 -13.78
CA ALA B 182 -6.20 18.71 -14.26
C ALA B 182 -6.64 19.78 -15.24
N PHE B 183 -7.91 19.83 -15.62
CA PHE B 183 -8.38 20.71 -16.69
C PHE B 183 -9.50 21.59 -16.15
N LYS B 184 -9.13 22.50 -15.26
CA LYS B 184 -10.11 23.25 -14.48
C LYS B 184 -10.66 24.45 -15.23
N PHE B 185 -9.88 25.06 -16.12
CA PHE B 185 -10.31 26.26 -16.81
C PHE B 185 -9.90 26.18 -18.26
N LYS B 186 -10.87 26.42 -19.16
CA LYS B 186 -10.53 26.55 -20.57
C LYS B 186 -9.83 27.89 -20.83
N GLY B 187 -10.28 28.94 -20.17
CA GLY B 187 -9.65 30.25 -20.21
C GLY B 187 -8.88 30.56 -18.95
N GLU B 188 -8.95 31.81 -18.51
CA GLU B 188 -8.19 32.22 -17.33
C GLU B 188 -8.85 31.70 -16.06
N PRO B 189 -8.06 31.34 -15.05
CA PRO B 189 -8.68 30.92 -13.78
C PRO B 189 -9.49 32.05 -13.17
N LYS B 190 -10.65 31.70 -12.63
CA LYS B 190 -11.60 32.67 -12.10
C LYS B 190 -12.40 31.98 -11.01
N LEU B 191 -12.38 32.53 -9.81
CA LEU B 191 -13.21 32.07 -8.70
C LEU B 191 -14.00 33.25 -8.16
N ASP B 192 -15.17 32.96 -7.60
CA ASP B 192 -16.03 34.03 -7.11
C ASP B 192 -15.75 34.24 -5.62
N PHE B 193 -14.77 35.10 -5.33
CA PHE B 193 -14.38 35.36 -3.96
C PHE B 193 -15.39 36.23 -3.20
N GLU B 194 -16.14 37.08 -3.90
CA GLU B 194 -17.21 37.82 -3.22
C GLU B 194 -18.26 36.86 -2.68
N ARG B 195 -18.63 35.86 -3.49
CA ARG B 195 -19.56 34.83 -3.05
C ARG B 195 -19.00 34.05 -1.87
N LEU B 196 -17.73 33.66 -1.93
CA LEU B 196 -17.08 32.98 -0.82
C LEU B 196 -17.21 33.79 0.47
N GLN B 197 -16.86 35.07 0.39
CA GLN B 197 -16.88 35.90 1.59
C GLN B 197 -18.28 36.01 2.17
N GLU B 198 -19.30 36.06 1.30
CA GLU B 198 -20.67 36.16 1.78
C GLU B 198 -21.12 34.86 2.44
N VAL B 199 -20.81 33.72 1.83
CA VAL B 199 -21.09 32.45 2.49
C VAL B 199 -20.44 32.41 3.87
N LYS B 200 -19.18 32.82 3.94
CA LYS B 200 -18.46 32.75 5.22
C LYS B 200 -19.13 33.63 6.25
N ARG B 201 -19.49 34.86 5.87
CA ARG B 201 -20.10 35.79 6.79
C ARG B 201 -21.42 35.26 7.33
N LEU B 202 -22.21 34.61 6.48
CA LEU B 202 -23.54 34.19 6.86
C LEU B 202 -23.56 32.86 7.59
N THR B 203 -22.57 31.99 7.38
CA THR B 203 -22.58 30.66 7.97
C THR B 203 -21.68 30.55 9.19
N ASN B 204 -20.55 31.23 9.18
N ASN B 204 -20.55 31.26 9.19
CA ASN B 204 -19.61 31.21 10.29
CA ASN B 204 -19.58 31.22 10.28
C ASN B 204 -19.24 29.78 10.69
C ASN B 204 -19.25 29.78 10.69
N ILE B 205 -19.00 28.93 9.69
CA ILE B 205 -18.49 27.58 9.93
C ILE B 205 -17.27 27.36 9.04
N PRO B 206 -16.50 26.30 9.28
CA PRO B 206 -15.41 25.96 8.34
C PRO B 206 -15.95 25.67 6.94
N LEU B 207 -15.21 26.14 5.93
CA LEU B 207 -15.60 25.98 4.54
C LEU B 207 -14.57 25.14 3.82
N VAL B 208 -15.02 24.47 2.76
CA VAL B 208 -14.24 23.49 2.02
C VAL B 208 -14.12 23.92 0.57
N LEU B 209 -12.92 23.84 0.00
CA LEU B 209 -12.67 24.07 -1.41
C LEU B 209 -12.38 22.74 -2.10
N HIS B 210 -13.22 22.35 -3.04
CA HIS B 210 -12.98 21.19 -3.87
C HIS B 210 -12.17 21.57 -5.09
N GLY B 211 -11.53 20.58 -5.70
CA GLY B 211 -10.81 20.80 -6.95
C GLY B 211 -9.72 21.84 -6.81
N ALA B 212 -8.91 21.73 -5.75
CA ALA B 212 -7.98 22.77 -5.37
C ALA B 212 -6.53 22.45 -5.76
N SER B 213 -6.28 21.46 -6.60
CA SER B 213 -4.92 21.27 -7.08
C SER B 213 -4.47 22.44 -7.92
N ALA B 214 -3.17 22.73 -7.85
CA ALA B 214 -2.52 23.86 -8.50
C ALA B 214 -1.74 23.49 -9.75
N ILE B 215 -1.36 22.23 -9.92
CA ILE B 215 -0.39 21.78 -10.92
C ILE B 215 0.84 22.70 -10.91
N PRO B 216 1.63 22.64 -9.86
CA PRO B 216 2.82 23.50 -9.77
C PRO B 216 3.75 23.31 -10.95
N ASP B 217 4.45 24.39 -11.32
CA ASP B 217 5.31 24.36 -12.51
C ASP B 217 6.34 23.24 -12.43
N ASN B 218 6.93 23.03 -11.26
CA ASN B 218 7.97 22.02 -11.14
C ASN B 218 7.39 20.61 -11.27
N VAL B 219 6.18 20.41 -10.76
CA VAL B 219 5.48 19.14 -10.93
C VAL B 219 5.15 18.91 -12.40
N ARG B 220 4.62 19.93 -13.07
CA ARG B 220 4.32 19.82 -14.49
C ARG B 220 5.58 19.49 -15.28
N LYS B 221 6.68 20.20 -14.98
CA LYS B 221 7.93 19.98 -15.69
C LYS B 221 8.43 18.56 -15.50
N SER B 222 8.35 18.03 -14.28
N SER B 222 8.32 18.01 -14.29
CA SER B 222 8.75 16.65 -14.02
CA SER B 222 8.78 16.65 -14.06
C SER B 222 7.94 15.69 -14.87
C SER B 222 7.93 15.66 -14.83
N TYR B 223 6.62 15.87 -14.87
CA TYR B 223 5.75 14.96 -15.61
C TYR B 223 6.07 14.99 -17.10
N LEU B 224 6.27 16.20 -17.66
CA LEU B 224 6.57 16.32 -19.09
C LEU B 224 7.96 15.78 -19.41
N ASP B 225 8.94 16.04 -18.54
CA ASP B 225 10.30 15.58 -18.78
C ASP B 225 10.34 14.06 -18.88
N ALA B 226 9.41 13.38 -18.19
CA ALA B 226 9.34 11.93 -18.17
C ALA B 226 8.45 11.38 -19.29
N GLY B 227 8.07 12.21 -20.26
CA GLY B 227 7.28 11.77 -21.38
C GLY B 227 5.80 11.92 -21.22
N GLY B 228 5.33 12.42 -20.08
CA GLY B 228 3.92 12.54 -19.87
C GLY B 228 3.31 13.70 -20.63
N ASP B 229 1.99 13.62 -20.80
CA ASP B 229 1.23 14.60 -21.56
C ASP B 229 0.20 15.24 -20.63
N LEU B 230 0.27 16.56 -20.49
CA LEU B 230 -0.72 17.33 -19.74
C LEU B 230 -1.30 18.44 -20.60
N LYS B 231 -1.56 18.14 -21.87
CA LYS B 231 -2.00 19.15 -22.81
C LYS B 231 -3.29 19.79 -22.34
N GLY B 232 -3.29 21.12 -22.22
CA GLY B 232 -4.46 21.88 -21.85
C GLY B 232 -4.70 22.01 -20.37
N SER B 233 -3.85 21.39 -19.53
CA SER B 233 -4.13 21.39 -18.10
C SER B 233 -3.98 22.79 -17.52
N LYS B 234 -4.76 23.06 -16.47
CA LYS B 234 -4.69 24.31 -15.75
C LYS B 234 -5.24 24.05 -14.36
N GLY B 235 -4.44 24.37 -13.34
CA GLY B 235 -4.86 24.24 -11.96
C GLY B 235 -5.23 25.58 -11.36
N VAL B 236 -5.53 25.56 -10.07
CA VAL B 236 -5.84 26.75 -9.28
C VAL B 236 -4.52 27.45 -8.91
N PRO B 237 -4.31 28.71 -9.30
CA PRO B 237 -3.04 29.38 -8.96
C PRO B 237 -2.81 29.44 -7.46
N PHE B 238 -1.53 29.32 -7.07
CA PHE B 238 -1.19 29.46 -5.65
C PHE B 238 -1.86 30.69 -5.05
N GLU B 239 -1.88 31.81 -5.78
CA GLU B 239 -2.43 33.05 -5.25
C GLU B 239 -3.93 32.93 -5.00
N PHE B 240 -4.64 32.17 -5.84
CA PHE B 240 -6.06 31.91 -5.61
C PHE B 240 -6.27 31.05 -4.37
N LEU B 241 -5.39 30.06 -4.14
CA LEU B 241 -5.52 29.27 -2.93
C LEU B 241 -5.34 30.14 -1.70
N GLN B 242 -4.32 31.02 -1.70
CA GLN B 242 -4.11 31.92 -0.58
C GLN B 242 -5.30 32.84 -0.37
N GLU B 243 -5.85 33.39 -1.47
CA GLU B 243 -7.02 34.24 -1.37
C GLU B 243 -8.22 33.48 -0.83
N SER B 244 -8.36 32.22 -1.24
N SER B 244 -8.36 32.21 -1.20
CA SER B 244 -9.46 31.38 -0.73
CA SER B 244 -9.51 31.45 -0.71
C SER B 244 -9.37 31.23 0.78
C SER B 244 -9.39 31.21 0.79
N VAL B 245 -8.18 30.97 1.29
CA VAL B 245 -8.00 30.84 2.73
C VAL B 245 -8.28 32.18 3.41
N LYS B 246 -7.81 33.28 2.83
CA LYS B 246 -8.12 34.59 3.39
C LYS B 246 -9.63 34.83 3.45
N GLY B 247 -10.37 34.23 2.53
CA GLY B 247 -11.80 34.39 2.47
C GLY B 247 -12.59 33.42 3.30
N GLY B 248 -11.93 32.45 3.94
CA GLY B 248 -12.60 31.58 4.87
C GLY B 248 -12.56 30.10 4.54
N ILE B 249 -11.85 29.68 3.49
CA ILE B 249 -11.65 28.26 3.24
C ILE B 249 -10.71 27.68 4.29
N ASN B 250 -11.12 26.55 4.89
CA ASN B 250 -10.36 25.88 5.94
C ASN B 250 -9.97 24.45 5.60
N LYS B 251 -10.57 23.85 4.58
CA LYS B 251 -10.26 22.49 4.12
C LYS B 251 -10.06 22.55 2.62
N VAL B 252 -8.94 22.05 2.13
CA VAL B 252 -8.50 22.27 0.76
C VAL B 252 -8.22 20.92 0.12
N ASN B 253 -9.16 20.43 -0.71
CA ASN B 253 -9.08 19.09 -1.25
C ASN B 253 -8.02 19.01 -2.35
N THR B 254 -7.07 18.09 -2.18
CA THR B 254 -5.89 18.01 -3.04
C THR B 254 -5.60 16.55 -3.37
N ASP B 255 -5.60 16.24 -4.66
CA ASP B 255 -5.43 14.87 -5.16
C ASP B 255 -4.62 14.87 -6.45
N THR B 256 -5.11 15.56 -7.49
CA THR B 256 -4.43 15.60 -8.79
C THR B 256 -2.94 15.91 -8.67
N ASP B 257 -2.58 16.94 -7.91
CA ASP B 257 -1.16 17.32 -7.76
C ASP B 257 -0.34 16.14 -7.25
N LEU B 258 -0.91 15.40 -6.30
CA LEU B 258 -0.21 14.26 -5.71
C LEU B 258 0.00 13.17 -6.74
N ARG B 259 -1.03 12.91 -7.56
CA ARG B 259 -0.93 11.85 -8.57
C ARG B 259 0.11 12.19 -9.63
N ILE B 260 0.10 13.43 -10.12
CA ILE B 260 1.03 13.81 -11.17
C ILE B 260 2.47 13.71 -10.66
N ALA B 261 2.73 14.25 -9.46
CA ALA B 261 4.08 14.23 -8.94
C ALA B 261 4.57 12.80 -8.75
N PHE B 262 3.68 11.94 -8.25
CA PHE B 262 4.01 10.55 -8.00
C PHE B 262 4.31 9.83 -9.32
N ILE B 263 3.40 9.92 -10.29
CA ILE B 263 3.53 9.15 -11.52
C ILE B 263 4.66 9.70 -12.40
N ALA B 264 4.97 10.99 -12.30
CA ALA B 264 6.11 11.51 -13.03
C ALA B 264 7.36 10.71 -12.69
N GLU B 265 7.56 10.41 -11.41
CA GLU B 265 8.76 9.70 -10.98
C GLU B 265 8.71 8.24 -11.40
N VAL B 266 7.52 7.63 -11.38
CA VAL B 266 7.38 6.25 -11.88
C VAL B 266 7.75 6.19 -13.35
N ARG B 267 7.25 7.14 -14.15
CA ARG B 267 7.57 7.18 -15.58
C ARG B 267 9.06 7.36 -15.80
N LYS B 268 9.68 8.23 -15.00
CA LYS B 268 11.11 8.50 -15.13
C LYS B 268 11.92 7.25 -14.87
N VAL B 269 11.61 6.50 -13.81
CA VAL B 269 12.36 5.28 -13.53
C VAL B 269 12.19 4.29 -14.67
N ALA B 270 10.96 4.11 -15.16
CA ALA B 270 10.73 3.20 -16.26
C ALA B 270 11.55 3.58 -17.49
N ASN B 271 11.62 4.88 -17.78
CA ASN B 271 12.35 5.38 -18.95
C ASN B 271 13.85 5.13 -18.83
N GLU B 272 14.40 5.33 -17.64
CA GLU B 272 15.84 5.41 -17.51
C GLU B 272 16.50 4.07 -17.24
N ASP B 273 15.73 3.03 -16.94
CA ASP B 273 16.31 1.68 -16.78
C ASP B 273 15.25 0.65 -17.14
N LYS B 274 15.36 0.10 -18.35
CA LYS B 274 14.39 -0.88 -18.81
C LYS B 274 14.49 -2.21 -18.08
N SER B 275 15.56 -2.42 -17.32
CA SER B 275 15.73 -3.65 -16.56
C SER B 275 15.25 -3.53 -15.11
N GLN B 276 14.81 -2.35 -14.69
CA GLN B 276 14.42 -2.13 -13.30
C GLN B 276 13.02 -2.68 -13.04
N PHE B 277 12.89 -3.65 -12.11
CA PHE B 277 11.55 -4.11 -11.73
C PHE B 277 11.38 -4.23 -10.23
N ASP B 278 12.26 -3.63 -9.44
CA ASP B 278 12.08 -3.54 -7.99
C ASP B 278 11.07 -2.43 -7.70
N LEU B 279 9.92 -2.79 -7.13
CA LEU B 279 8.88 -1.78 -6.94
C LEU B 279 9.38 -0.61 -6.10
N ARG B 280 10.25 -0.86 -5.12
CA ARG B 280 10.74 0.20 -4.26
C ARG B 280 11.55 1.24 -5.01
N LYS B 281 12.20 0.83 -6.11
CA LYS B 281 12.99 1.78 -6.88
C LYS B 281 12.12 2.73 -7.69
N PHE B 282 10.91 2.30 -8.02
CA PHE B 282 9.91 3.17 -8.63
C PHE B 282 9.25 4.06 -7.59
N PHE B 283 8.88 3.50 -6.44
CA PHE B 283 7.97 4.20 -5.55
C PHE B 283 8.66 5.02 -4.47
N SER B 284 9.95 4.79 -4.17
CA SER B 284 10.62 5.68 -3.23
C SER B 284 10.78 7.09 -3.79
N PRO B 285 11.25 7.29 -5.03
CA PRO B 285 11.30 8.66 -5.56
C PRO B 285 9.91 9.24 -5.78
N ALA B 286 8.94 8.37 -6.09
CA ALA B 286 7.55 8.80 -6.25
C ALA B 286 6.98 9.35 -4.95
N GLN B 287 7.18 8.62 -3.84
CA GLN B 287 6.84 9.12 -2.51
C GLN B 287 7.49 10.47 -2.22
N LEU B 288 8.78 10.59 -2.48
CA LEU B 288 9.49 11.83 -2.16
C LEU B 288 8.86 13.01 -2.90
N ALA B 289 8.53 12.83 -4.17
CA ALA B 289 7.93 13.92 -4.93
C ALA B 289 6.54 14.25 -4.38
N LEU B 290 5.75 13.25 -4.05
CA LEU B 290 4.43 13.50 -3.46
C LEU B 290 4.58 14.21 -2.13
N LYS B 291 5.48 13.71 -1.28
CA LYS B 291 5.70 14.32 0.03
C LYS B 291 6.04 15.79 -0.11
N ASN B 292 6.89 16.13 -1.08
CA ASN B 292 7.31 17.52 -1.23
C ASN B 292 6.16 18.41 -1.67
N VAL B 293 5.27 17.89 -2.52
CA VAL B 293 4.08 18.66 -2.89
C VAL B 293 3.24 18.97 -1.65
N VAL B 294 3.04 17.96 -0.80
CA VAL B 294 2.23 18.14 0.39
C VAL B 294 2.88 19.14 1.34
N LYS B 295 4.19 19.01 1.57
CA LYS B 295 4.90 19.94 2.44
C LYS B 295 4.74 21.38 1.98
N GLU B 296 4.98 21.65 0.70
CA GLU B 296 4.82 23.00 0.16
C GLU B 296 3.39 23.48 0.31
N ARG B 297 2.42 22.59 0.13
CA ARG B 297 1.03 23.00 0.21
C ARG B 297 0.63 23.32 1.66
N MET B 298 1.14 22.56 2.61
CA MET B 298 0.91 22.86 4.02
C MET B 298 1.46 24.23 4.38
N LYS B 299 2.64 24.56 3.90
CA LYS B 299 3.20 25.89 4.14
C LYS B 299 2.33 26.97 3.50
N LEU B 300 1.91 26.74 2.25
CA LEU B 300 1.13 27.73 1.51
C LEU B 300 -0.20 28.02 2.20
N LEU B 301 -0.88 26.97 2.69
CA LEU B 301 -2.21 27.13 3.26
C LEU B 301 -2.16 27.60 4.70
N GLY B 302 -1.01 27.54 5.36
CA GLY B 302 -0.86 28.03 6.72
C GLY B 302 -1.03 26.99 7.81
N SER B 303 -1.01 25.70 7.49
CA SER B 303 -1.11 24.68 8.52
C SER B 303 0.24 24.21 9.05
N ALA B 304 1.34 24.63 8.42
CA ALA B 304 2.66 24.30 8.94
C ALA B 304 2.84 24.91 10.33
N ASN B 305 3.48 24.16 11.22
CA ASN B 305 3.80 24.60 12.58
C ASN B 305 2.56 24.93 13.40
N LYS B 306 1.45 24.23 13.15
CA LYS B 306 0.21 24.43 13.89
C LYS B 306 -0.09 23.31 14.88
N ILE B 307 0.82 22.35 15.05
CA ILE B 307 0.63 21.31 16.06
C ILE B 307 1.14 21.79 17.40
#